data_4MI5
#
_entry.id   4MI5
#
_cell.length_a   45.134
_cell.length_b   57.674
_cell.length_c   75.501
_cell.angle_alpha   90.00
_cell.angle_beta   90.00
_cell.angle_gamma   90.00
#
_symmetry.space_group_name_H-M   'P 21 21 21'
#
loop_
_entity.id
_entity.type
_entity.pdbx_description
1 polymer 'Histone-lysine N-methyltransferase EZH2'
2 non-polymer 'SULFATE ION'
3 non-polymer 'ZINC ION'
4 water water
#
_entity_poly.entity_id   1
_entity_poly.type   'polypeptide(L)'
_entity_poly.pdbx_seq_one_letter_code
;GSLQPCDHPRQPCDSSCPCVIAQNFCEKFCQCSSECQNRFPGCRCKAQCNTKQCPCYLAVRECDPDLCLTCGAADHWDSK
NVSCKNCSIQRGSKKHLLLAPSDVAGWGIFIKDPVQKNEFISEYCGEIISQDEADRRGKVYDKYMCSFLFNLNNDFVVDA
TRKGNKIRFANHSVNPNCYAKVMMVNGDHRIGIFAKRAIQTGEELFFDYRYSQADALKYVGIEREMEIP
;
_entity_poly.pdbx_strand_id   A
#
loop_
_chem_comp.id
_chem_comp.type
_chem_comp.name
_chem_comp.formula
SO4 non-polymer 'SULFATE ION' 'O4 S -2'
ZN non-polymer 'ZINC ION' 'Zn 2'
#
# COMPACT_ATOMS: atom_id res chain seq x y z
N GLY A 1 -11.91 -1.75 15.22
CA GLY A 1 -10.70 -2.63 15.28
C GLY A 1 -10.23 -3.08 13.90
N SER A 2 -9.17 -2.44 13.42
CA SER A 2 -8.64 -2.72 12.09
C SER A 2 -8.02 -4.11 12.03
N LEU A 3 -8.29 -4.81 10.94
CA LEU A 3 -7.75 -6.15 10.66
C LEU A 3 -8.07 -7.21 11.73
N GLN A 4 -9.22 -7.07 12.39
CA GLN A 4 -9.67 -8.10 13.32
C GLN A 4 -10.40 -9.18 12.54
N PRO A 5 -9.89 -10.43 12.57
CA PRO A 5 -10.64 -11.52 11.95
C PRO A 5 -11.88 -11.82 12.75
N CYS A 6 -12.95 -12.26 12.09
CA CYS A 6 -14.08 -12.77 12.84
C CYS A 6 -13.78 -14.22 13.22
N ASP A 7 -14.31 -14.63 14.37
CA ASP A 7 -14.16 -16.00 14.85
C ASP A 7 -15.41 -16.40 15.62
N HIS A 8 -16.37 -16.95 14.89
CA HIS A 8 -17.59 -17.47 15.47
C HIS A 8 -17.85 -18.89 14.95
N PRO A 9 -17.12 -19.87 15.51
CA PRO A 9 -17.16 -21.25 15.01
C PRO A 9 -18.59 -21.77 14.83
N ARG A 10 -18.81 -22.46 13.72
CA ARG A 10 -20.10 -23.10 13.37
C ARG A 10 -21.24 -22.10 13.07
N GLN A 11 -20.91 -20.82 13.03
CA GLN A 11 -21.88 -19.75 12.75
C GLN A 11 -21.51 -19.00 11.47
N PRO A 12 -22.51 -18.60 10.66
CA PRO A 12 -22.21 -17.86 9.43
C PRO A 12 -21.93 -16.40 9.72
N CYS A 13 -21.44 -15.67 8.70
CA CYS A 13 -21.20 -14.24 8.83
C CYS A 13 -22.45 -13.46 8.48
N ASP A 14 -23.38 -13.45 9.43
CA ASP A 14 -24.65 -12.74 9.31
C ASP A 14 -24.52 -11.37 9.96
N SER A 15 -25.66 -10.72 10.23
CA SER A 15 -25.68 -9.40 10.84
C SER A 15 -25.10 -9.38 12.26
N SER A 16 -24.75 -10.56 12.78
CA SER A 16 -24.09 -10.67 14.08
C SER A 16 -22.56 -10.74 13.99
N CYS A 17 -22.04 -10.85 12.76
CA CYS A 17 -20.60 -10.89 12.52
C CYS A 17 -20.02 -9.48 12.63
N PRO A 18 -18.90 -9.33 13.37
CA PRO A 18 -18.26 -8.03 13.52
C PRO A 18 -17.74 -7.44 12.20
N CYS A 19 -17.40 -8.29 11.25
CA CYS A 19 -16.94 -7.85 9.93
C CYS A 19 -18.12 -7.23 9.19
N VAL A 20 -19.27 -7.89 9.27
CA VAL A 20 -20.50 -7.43 8.64
C VAL A 20 -21.02 -6.15 9.31
N ILE A 21 -20.96 -6.10 10.64
CA ILE A 21 -21.41 -4.92 11.37
C ILE A 21 -20.55 -3.70 11.05
N ALA A 22 -19.23 -3.87 11.07
CA ALA A 22 -18.30 -2.77 10.80
C ALA A 22 -18.22 -2.43 9.30
N GLN A 23 -18.91 -3.24 8.49
CA GLN A 23 -19.05 -3.05 7.04
C GLN A 23 -17.72 -3.18 6.28
N ASN A 24 -16.96 -4.20 6.65
CA ASN A 24 -15.73 -4.55 5.94
C ASN A 24 -15.80 -5.98 5.45
N PHE A 25 -15.11 -6.27 4.35
CA PHE A 25 -15.04 -7.64 3.85
C PHE A 25 -14.36 -8.54 4.87
N CYS A 26 -14.77 -9.80 4.90
CA CYS A 26 -14.00 -10.83 5.59
C CYS A 26 -12.73 -11.05 4.80
N GLU A 27 -11.63 -11.25 5.50
CA GLU A 27 -10.34 -11.43 4.85
C GLU A 27 -9.78 -12.81 5.08
N LYS A 28 -8.56 -13.05 4.60
CA LYS A 28 -7.88 -14.34 4.71
C LYS A 28 -7.81 -14.87 6.13
N PHE A 29 -7.61 -13.97 7.10
CA PHE A 29 -7.47 -14.34 8.50
C PHE A 29 -8.78 -14.76 9.18
N CYS A 30 -9.92 -14.34 8.63
CA CYS A 30 -11.22 -14.70 9.20
C CYS A 30 -11.42 -16.23 9.16
N GLN A 31 -12.07 -16.76 10.20
CA GLN A 31 -12.20 -18.21 10.37
C GLN A 31 -13.38 -18.81 9.60
N CYS A 32 -14.18 -17.95 8.97
CA CYS A 32 -15.36 -18.35 8.22
C CYS A 32 -15.04 -19.11 6.93
N SER A 33 -16.07 -19.77 6.38
CA SER A 33 -15.99 -20.49 5.11
C SER A 33 -15.35 -19.66 4.00
N SER A 34 -14.60 -20.31 3.11
CA SER A 34 -14.05 -19.63 1.92
C SER A 34 -15.19 -19.16 1.01
N GLU A 35 -16.36 -19.75 1.20
CA GLU A 35 -17.55 -19.38 0.45
C GLU A 35 -18.38 -18.29 1.14
N CYS A 36 -17.81 -17.69 2.19
CA CYS A 36 -18.48 -16.61 2.92
C CYS A 36 -18.92 -15.48 1.99
N GLN A 37 -20.19 -15.12 2.06
CA GLN A 37 -20.76 -14.09 1.18
C GLN A 37 -20.23 -12.69 1.50
N ASN A 38 -19.60 -12.54 2.66
CA ASN A 38 -18.97 -11.28 3.04
C ASN A 38 -17.50 -11.17 2.66
N ARG A 39 -16.97 -12.17 1.96
CA ARG A 39 -15.60 -12.11 1.43
C ARG A 39 -15.56 -11.38 0.10
N PHE A 40 -14.38 -10.89 -0.29
CA PHE A 40 -14.22 -10.22 -1.58
C PHE A 40 -14.09 -11.25 -2.70
N PRO A 41 -14.90 -11.11 -3.77
CA PRO A 41 -14.95 -12.09 -4.86
C PRO A 41 -13.78 -12.04 -5.84
N GLY A 42 -12.94 -11.01 -5.75
CA GLY A 42 -11.85 -10.83 -6.71
C GLY A 42 -12.37 -10.25 -8.01
N CYS A 43 -11.64 -10.48 -9.11
CA CYS A 43 -12.02 -9.92 -10.41
C CYS A 43 -11.95 -10.94 -11.55
N ARG A 44 -12.63 -10.64 -12.64
CA ARG A 44 -12.55 -11.44 -13.87
C ARG A 44 -12.12 -10.59 -15.07
N CYS A 45 -11.21 -9.64 -14.82
CA CYS A 45 -10.62 -8.79 -15.86
C CYS A 45 -9.76 -9.64 -16.81
N LYS A 46 -9.62 -9.19 -18.04
CA LYS A 46 -8.77 -9.90 -19.01
C LYS A 46 -7.28 -9.63 -18.79
N ALA A 47 -6.97 -8.40 -18.35
CA ALA A 47 -5.61 -7.96 -18.06
C ALA A 47 -5.63 -6.61 -17.34
N GLN A 48 -4.44 -6.10 -17.04
CA GLN A 48 -4.22 -4.73 -16.52
C GLN A 48 -4.62 -4.44 -15.07
N CYS A 49 -5.92 -4.53 -14.78
CA CYS A 49 -6.42 -4.34 -13.41
C CYS A 49 -5.91 -3.07 -12.72
N ASN A 50 -5.70 -2.02 -13.51
CA ASN A 50 -5.17 -0.75 -13.01
C ASN A 50 -6.09 0.45 -13.25
N THR A 51 -7.39 0.18 -13.35
CA THR A 51 -8.41 1.22 -13.45
C THR A 51 -9.60 0.88 -12.55
N LYS A 52 -10.49 1.84 -12.37
CA LYS A 52 -11.71 1.64 -11.57
C LYS A 52 -12.62 0.53 -12.11
N GLN A 53 -12.39 0.11 -13.36
CA GLN A 53 -13.11 -1.01 -13.96
C GLN A 53 -12.77 -2.36 -13.31
N CYS A 54 -11.63 -2.43 -12.64
CA CYS A 54 -11.27 -3.62 -11.88
C CYS A 54 -11.83 -3.53 -10.46
N PRO A 55 -12.64 -4.52 -10.05
CA PRO A 55 -13.18 -4.58 -8.70
C PRO A 55 -12.09 -4.50 -7.62
N CYS A 56 -10.96 -5.18 -7.86
CA CYS A 56 -9.85 -5.20 -6.90
C CYS A 56 -9.17 -3.84 -6.76
N TYR A 57 -8.78 -3.25 -7.89
CA TYR A 57 -8.22 -1.89 -7.93
C TYR A 57 -9.14 -0.87 -7.25
N LEU A 58 -10.44 -0.96 -7.51
CA LEU A 58 -11.40 -0.04 -6.92
C LEU A 58 -11.52 -0.17 -5.40
N ALA A 59 -11.40 -1.40 -4.90
CA ALA A 59 -11.53 -1.66 -3.47
C ALA A 59 -10.18 -1.48 -2.74
N VAL A 60 -9.18 -0.98 -3.45
CA VAL A 60 -7.84 -0.69 -2.89
C VAL A 60 -7.23 -1.99 -2.34
N ARG A 61 -7.29 -3.03 -3.17
CA ARG A 61 -6.67 -4.31 -2.86
C ARG A 61 -5.92 -4.75 -4.09
N GLU A 62 -4.79 -5.43 -3.91
CA GLU A 62 -4.13 -6.11 -5.01
C GLU A 62 -4.93 -7.35 -5.37
N CYS A 63 -4.80 -7.79 -6.61
CA CYS A 63 -5.42 -9.03 -7.05
C CYS A 63 -4.90 -10.22 -6.25
N ASP A 64 -5.73 -11.25 -6.13
CA ASP A 64 -5.45 -12.40 -5.28
C ASP A 64 -5.20 -13.64 -6.15
N PRO A 65 -4.01 -14.26 -6.02
CA PRO A 65 -3.63 -15.41 -6.86
C PRO A 65 -4.68 -16.53 -6.93
N ASP A 66 -5.37 -16.80 -5.83
CA ASP A 66 -6.38 -17.87 -5.82
C ASP A 66 -7.82 -17.39 -6.00
N LEU A 67 -8.01 -16.09 -6.18
CA LEU A 67 -9.33 -15.53 -6.47
C LEU A 67 -9.44 -14.87 -7.84
N CYS A 68 -8.35 -14.26 -8.30
CA CYS A 68 -8.34 -13.55 -9.57
C CYS A 68 -7.75 -14.43 -10.65
N LEU A 69 -8.60 -15.29 -11.22
CA LEU A 69 -8.16 -16.45 -12.00
C LEU A 69 -8.00 -16.25 -13.51
N THR A 70 -8.25 -15.04 -13.99
CA THR A 70 -8.24 -14.77 -15.44
C THR A 70 -7.28 -13.66 -15.85
N CYS A 71 -7.09 -12.69 -14.97
CA CYS A 71 -6.38 -11.44 -15.30
C CYS A 71 -4.87 -11.60 -15.46
N GLY A 72 -4.31 -12.69 -14.93
CA GLY A 72 -2.87 -12.90 -14.92
C GLY A 72 -2.28 -13.00 -13.52
N ALA A 73 -3.10 -12.71 -12.51
CA ALA A 73 -2.67 -12.77 -11.11
C ALA A 73 -2.19 -14.16 -10.71
N ALA A 74 -2.74 -15.19 -11.36
CA ALA A 74 -2.33 -16.57 -11.14
C ALA A 74 -1.34 -17.02 -12.22
N ASP A 75 -0.20 -16.32 -12.30
CA ASP A 75 0.85 -16.62 -13.27
C ASP A 75 2.21 -16.18 -12.76
N VAL A 82 3.28 -10.99 -17.29
CA VAL A 82 2.82 -10.08 -16.24
C VAL A 82 1.71 -9.16 -16.74
N SER A 83 0.58 -9.75 -17.14
CA SER A 83 -0.57 -9.01 -17.67
C SER A 83 -1.37 -8.25 -16.60
N CYS A 84 -1.43 -8.78 -15.38
CA CYS A 84 -2.05 -8.08 -14.26
C CYS A 84 -1.05 -7.10 -13.66
N LYS A 85 -1.39 -5.81 -13.73
CA LYS A 85 -0.56 -4.73 -13.17
C LYS A 85 -1.00 -4.36 -11.76
N ASN A 86 -1.74 -5.27 -11.12
CA ASN A 86 -2.24 -5.06 -9.77
C ASN A 86 -1.69 -6.10 -8.80
N CYS A 87 -0.51 -6.63 -9.12
CA CYS A 87 0.14 -7.66 -8.30
C CYS A 87 1.57 -7.29 -7.92
N SER A 88 1.92 -6.02 -8.14
CA SER A 88 3.32 -5.58 -8.05
C SER A 88 3.95 -5.65 -6.67
N ILE A 89 3.20 -5.29 -5.63
CA ILE A 89 3.71 -5.38 -4.25
C ILE A 89 4.00 -6.84 -3.88
N GLN A 90 3.06 -7.72 -4.20
CA GLN A 90 3.24 -9.18 -4.00
C GLN A 90 4.48 -9.73 -4.70
N ARG A 91 4.68 -9.33 -5.95
CA ARG A 91 5.77 -9.85 -6.78
C ARG A 91 7.09 -9.11 -6.57
N GLY A 92 7.03 -8.00 -5.83
CA GLY A 92 8.21 -7.17 -5.55
C GLY A 92 8.65 -6.37 -6.77
N SER A 93 7.69 -6.01 -7.62
CA SER A 93 7.96 -5.23 -8.83
C SER A 93 7.83 -3.75 -8.55
N LYS A 94 8.61 -2.95 -9.27
CA LYS A 94 8.60 -1.49 -9.11
C LYS A 94 9.21 -0.80 -10.33
N LYS A 95 8.93 0.49 -10.48
CA LYS A 95 9.59 1.32 -11.48
C LYS A 95 11.07 1.49 -11.12
N HIS A 96 11.88 1.83 -12.11
CA HIS A 96 13.30 2.12 -11.88
C HIS A 96 13.43 3.46 -11.18
N LEU A 97 14.20 3.49 -10.10
CA LEU A 97 14.40 4.69 -9.31
C LEU A 97 15.89 4.96 -9.14
N LEU A 98 16.26 6.24 -9.19
CA LEU A 98 17.64 6.65 -8.99
C LEU A 98 17.77 7.46 -7.71
N LEU A 99 18.71 7.04 -6.86
CA LEU A 99 19.12 7.85 -5.71
C LEU A 99 20.27 8.76 -6.14
N ALA A 100 20.10 10.06 -5.94
CA ALA A 100 21.07 11.06 -6.40
C ALA A 100 20.96 12.34 -5.58
N PRO A 101 21.98 13.23 -5.63
CA PRO A 101 21.85 14.51 -4.95
C PRO A 101 20.62 15.27 -5.46
N SER A 102 19.80 15.76 -4.53
CA SER A 102 18.56 16.43 -4.87
C SER A 102 18.78 17.77 -5.56
N ASP A 103 17.89 18.12 -6.49
CA ASP A 103 17.89 19.43 -7.13
C ASP A 103 17.58 20.51 -6.09
N VAL A 104 16.75 20.15 -5.10
CA VAL A 104 16.50 21.00 -3.96
C VAL A 104 17.69 21.05 -2.99
N ALA A 105 17.84 20.00 -2.18
CA ALA A 105 18.96 19.87 -1.24
C ALA A 105 19.01 18.50 -0.57
N GLY A 106 20.22 18.00 -0.36
CA GLY A 106 20.45 16.70 0.27
C GLY A 106 20.42 15.57 -0.74
N TRP A 107 19.72 14.49 -0.40
CA TRP A 107 19.55 13.35 -1.28
C TRP A 107 18.10 13.26 -1.75
N GLY A 108 17.90 12.74 -2.95
CA GLY A 108 16.56 12.64 -3.55
C GLY A 108 16.37 11.39 -4.37
N ILE A 109 15.12 11.13 -4.74
CA ILE A 109 14.77 10.00 -5.60
C ILE A 109 14.25 10.52 -6.92
N PHE A 110 14.80 9.98 -8.01
CA PHE A 110 14.41 10.36 -9.36
C PHE A 110 13.89 9.13 -10.08
N ILE A 111 12.74 9.28 -10.73
CA ILE A 111 12.14 8.17 -11.46
C ILE A 111 12.83 8.00 -12.82
N LYS A 112 13.01 6.76 -13.25
CA LYS A 112 13.70 6.47 -14.51
C LYS A 112 12.76 5.89 -15.57
N ASP A 113 11.50 5.73 -15.21
CA ASP A 113 10.45 5.32 -16.14
C ASP A 113 9.36 6.38 -16.15
N PRO A 114 8.76 6.64 -17.32
CA PRO A 114 7.61 7.53 -17.33
C PRO A 114 6.41 6.86 -16.67
N VAL A 115 5.65 7.62 -15.89
CA VAL A 115 4.43 7.10 -15.29
C VAL A 115 3.24 8.00 -15.59
N GLN A 116 2.06 7.40 -15.64
CA GLN A 116 0.82 8.18 -15.82
C GLN A 116 0.17 8.48 -14.48
N LYS A 117 -0.73 9.46 -14.46
CA LYS A 117 -1.47 9.81 -13.26
C LYS A 117 -2.08 8.54 -12.62
N ASN A 118 -1.92 8.43 -11.30
CA ASN A 118 -2.42 7.30 -10.49
C ASN A 118 -1.74 5.95 -10.72
N GLU A 119 -0.62 5.94 -11.47
CA GLU A 119 0.12 4.71 -11.72
C GLU A 119 0.99 4.29 -10.54
N PHE A 120 1.09 2.98 -10.32
CA PHE A 120 1.93 2.40 -9.28
C PHE A 120 3.41 2.64 -9.58
N ILE A 121 4.16 3.00 -8.53
CA ILE A 121 5.59 3.25 -8.65
C ILE A 121 6.38 2.18 -7.89
N SER A 122 6.08 2.03 -6.61
CA SER A 122 6.84 1.12 -5.75
C SER A 122 6.12 0.91 -4.43
N GLU A 123 6.36 -0.24 -3.80
CA GLU A 123 6.01 -0.40 -2.40
C GLU A 123 6.87 0.58 -1.60
N TYR A 124 6.29 1.13 -0.54
CA TYR A 124 7.07 1.84 0.45
C TYR A 124 7.26 0.88 1.61
N CYS A 125 8.44 0.29 1.69
CA CYS A 125 8.74 -0.68 2.73
C CYS A 125 8.98 -0.03 4.08
N GLY A 126 8.59 -0.72 5.13
CA GLY A 126 8.80 -0.26 6.49
C GLY A 126 7.83 -0.89 7.45
N GLU A 127 7.89 -0.44 8.69
CA GLU A 127 7.02 -0.93 9.76
C GLU A 127 5.87 0.04 9.91
N ILE A 128 4.65 -0.45 9.71
CA ILE A 128 3.47 0.35 9.98
C ILE A 128 3.24 0.37 11.49
N ILE A 129 3.31 1.56 12.07
CA ILE A 129 3.15 1.74 13.51
C ILE A 129 2.09 2.80 13.79
N SER A 130 1.51 2.78 15.00
CA SER A 130 0.57 3.80 15.42
C SER A 130 1.30 5.12 15.71
N GLN A 131 0.58 6.23 15.66
CA GLN A 131 1.11 7.54 16.07
C GLN A 131 1.67 7.50 17.50
N ASP A 132 1.06 6.68 18.36
CA ASP A 132 1.53 6.47 19.73
C ASP A 132 2.91 5.84 19.78
N GLU A 133 3.09 4.78 19.01
CA GLU A 133 4.39 4.10 18.91
C GLU A 133 5.44 4.98 18.24
N ALA A 134 5.00 5.79 17.28
CA ALA A 134 5.88 6.76 16.62
C ALA A 134 6.33 7.86 17.58
N ASP A 135 5.38 8.38 18.38
CA ASP A 135 5.67 9.41 19.37
C ASP A 135 6.68 8.93 20.41
N ARG A 136 6.62 7.65 20.75
CA ARG A 136 7.57 7.02 21.65
C ARG A 136 8.97 7.05 21.05
N ARG A 137 9.14 6.39 19.90
CA ARG A 137 10.41 6.34 19.17
C ARG A 137 11.03 7.74 18.97
N GLY A 138 10.18 8.76 18.86
CA GLY A 138 10.61 10.13 18.59
C GLY A 138 11.28 10.88 19.72
N LYS A 139 10.81 10.67 20.95
CA LYS A 139 11.38 11.33 22.12
C LYS A 139 12.42 10.47 22.85
N VAL A 140 12.29 9.16 22.71
CA VAL A 140 13.16 8.19 23.38
C VAL A 140 14.51 8.06 22.67
N TYR A 141 15.57 7.88 23.47
CA TYR A 141 16.91 7.66 22.95
C TYR A 141 16.97 6.47 21.98
N ASP A 142 17.44 6.73 20.76
CA ASP A 142 17.51 5.71 19.70
C ASP A 142 18.93 5.41 19.27
N LYS A 143 19.17 4.18 18.83
CA LYS A 143 20.47 3.73 18.36
C LYS A 143 20.76 4.18 16.93
N TYR A 144 19.71 4.22 16.10
CA TYR A 144 19.82 4.64 14.70
C TYR A 144 20.01 6.15 14.56
N MET A 145 20.99 6.54 13.75
CA MET A 145 21.33 7.94 13.56
C MET A 145 20.38 8.64 12.60
N CYS A 146 20.30 8.14 11.37
CA CYS A 146 19.44 8.72 10.34
C CYS A 146 18.15 7.93 10.21
N SER A 147 17.04 8.52 10.66
CA SER A 147 15.75 7.84 10.63
C SER A 147 14.85 8.34 9.51
N PHE A 148 13.98 7.44 9.05
CA PHE A 148 13.04 7.71 7.97
C PHE A 148 11.63 7.31 8.40
N LEU A 149 10.77 8.30 8.56
CA LEU A 149 9.38 8.09 8.94
C LEU A 149 8.50 9.12 8.25
N PHE A 150 7.30 8.69 7.85
CA PHE A 150 6.26 9.65 7.47
C PHE A 150 4.87 9.21 7.91
N ASN A 151 3.97 10.19 8.00
CA ASN A 151 2.59 9.91 8.40
C ASN A 151 1.81 9.38 7.22
N LEU A 152 1.22 8.19 7.37
CA LEU A 152 0.22 7.73 6.42
C LEU A 152 -1.01 8.60 6.61
N ASN A 153 -1.52 8.62 7.84
CA ASN A 153 -2.64 9.46 8.22
C ASN A 153 -2.44 9.92 9.66
N ASN A 154 -3.53 10.31 10.32
CA ASN A 154 -3.43 10.81 11.68
C ASN A 154 -3.37 9.70 12.74
N ASP A 155 -3.50 8.44 12.31
CA ASP A 155 -3.42 7.30 13.22
C ASP A 155 -2.16 6.46 13.05
N PHE A 156 -1.65 6.40 11.83
CA PHE A 156 -0.52 5.52 11.51
C PHE A 156 0.62 6.20 10.78
N VAL A 157 1.82 5.70 11.06
CA VAL A 157 3.07 6.19 10.52
C VAL A 157 3.78 4.97 9.93
N VAL A 158 4.58 5.17 8.86
CA VAL A 158 5.52 4.12 8.43
C VAL A 158 6.93 4.47 8.89
N ASP A 159 7.55 3.54 9.58
CA ASP A 159 8.95 3.67 9.98
C ASP A 159 9.80 2.87 9.02
N ALA A 160 10.58 3.57 8.20
CA ALA A 160 11.43 2.94 7.20
C ALA A 160 12.92 2.97 7.60
N THR A 161 13.18 3.21 8.88
CA THR A 161 14.56 3.33 9.38
C THR A 161 15.32 2.01 9.29
N ARG A 162 14.66 0.93 9.70
CA ARG A 162 15.28 -0.38 9.83
C ARG A 162 15.00 -1.27 8.63
N LYS A 163 13.75 -1.24 8.15
CA LYS A 163 13.30 -2.14 7.10
C LYS A 163 12.76 -1.41 5.87
N GLY A 164 13.32 -0.25 5.58
CA GLY A 164 12.90 0.54 4.42
C GLY A 164 13.51 0.08 3.12
N ASN A 165 12.97 0.61 2.02
CA ASN A 165 13.60 0.46 0.71
C ASN A 165 13.96 1.84 0.13
N LYS A 166 14.50 1.85 -1.09
CA LYS A 166 15.14 3.05 -1.65
C LYS A 166 14.26 4.29 -1.73
N ILE A 167 12.96 4.10 -1.97
CA ILE A 167 12.02 5.21 -2.10
C ILE A 167 11.86 6.05 -0.82
N ARG A 168 12.35 5.54 0.31
CA ARG A 168 12.32 6.32 1.57
C ARG A 168 13.15 7.60 1.48
N PHE A 169 14.08 7.65 0.52
CA PHE A 169 14.90 8.82 0.30
C PHE A 169 14.18 9.96 -0.44
N ALA A 170 12.95 9.72 -0.89
CA ALA A 170 12.17 10.75 -1.58
C ALA A 170 11.82 11.89 -0.61
N ASN A 171 11.96 13.12 -1.09
CA ASN A 171 11.85 14.31 -0.24
C ASN A 171 10.42 14.77 0.06
N HIS A 172 10.28 15.60 1.10
CA HIS A 172 8.99 16.16 1.47
C HIS A 172 8.62 17.34 0.61
N SER A 173 7.34 17.42 0.25
CA SER A 173 6.75 18.64 -0.32
C SER A 173 5.27 18.73 0.04
N VAL A 174 4.82 19.94 0.37
CA VAL A 174 3.39 20.21 0.55
C VAL A 174 2.63 20.24 -0.79
N ASN A 175 3.38 20.21 -1.88
CA ASN A 175 2.83 20.01 -3.22
C ASN A 175 3.48 18.78 -3.87
N PRO A 176 3.13 17.58 -3.37
CA PRO A 176 3.80 16.36 -3.81
C PRO A 176 3.36 15.90 -5.20
N ASN A 177 4.19 15.10 -5.86
CA ASN A 177 3.81 14.47 -7.12
C ASN A 177 3.53 12.97 -6.98
N CYS A 178 3.65 12.47 -5.74
CA CYS A 178 3.36 11.07 -5.41
C CYS A 178 2.50 10.98 -4.16
N TYR A 179 1.82 9.85 -3.97
CA TYR A 179 1.01 9.61 -2.77
C TYR A 179 0.99 8.14 -2.36
N ALA A 180 0.49 7.87 -1.15
CA ALA A 180 0.45 6.53 -0.61
C ALA A 180 -0.95 5.96 -0.52
N LYS A 181 -1.10 4.70 -0.91
CA LYS A 181 -2.32 3.95 -0.65
C LYS A 181 -2.01 2.86 0.35
N VAL A 182 -2.88 2.69 1.33
CA VAL A 182 -2.80 1.54 2.22
C VAL A 182 -3.66 0.46 1.57
N MET A 183 -3.00 -0.62 1.12
CA MET A 183 -3.66 -1.62 0.30
C MET A 183 -3.76 -2.97 1.01
N MET A 184 -4.88 -3.66 0.79
CA MET A 184 -5.02 -5.04 1.21
C MET A 184 -4.22 -5.93 0.28
N VAL A 185 -3.18 -6.55 0.83
CA VAL A 185 -2.31 -7.43 0.06
C VAL A 185 -2.24 -8.79 0.77
N ASN A 186 -2.92 -9.78 0.18
CA ASN A 186 -3.00 -11.13 0.74
CA ASN A 186 -3.00 -11.13 0.74
C ASN A 186 -3.21 -11.15 2.26
N GLY A 187 -4.20 -10.38 2.72
CA GLY A 187 -4.56 -10.34 4.14
C GLY A 187 -3.86 -9.32 5.00
N ASP A 188 -2.81 -8.69 4.45
CA ASP A 188 -2.05 -7.69 5.19
C ASP A 188 -2.13 -6.32 4.53
N HIS A 189 -2.02 -5.28 5.34
CA HIS A 189 -1.91 -3.91 4.81
C HIS A 189 -0.48 -3.63 4.37
N ARG A 190 -0.32 -3.23 3.12
CA ARG A 190 0.98 -2.83 2.59
C ARG A 190 0.87 -1.48 1.88
N ILE A 191 1.96 -0.73 1.85
CA ILE A 191 1.91 0.64 1.36
C ILE A 191 2.39 0.74 -0.09
N GLY A 192 1.49 1.19 -0.96
CA GLY A 192 1.82 1.43 -2.36
C GLY A 192 2.04 2.91 -2.61
N ILE A 193 3.06 3.23 -3.39
CA ILE A 193 3.29 4.61 -3.80
C ILE A 193 2.83 4.79 -5.24
N PHE A 194 1.96 5.76 -5.46
CA PHE A 194 1.37 6.02 -6.77
C PHE A 194 1.68 7.45 -7.23
N ALA A 195 1.70 7.65 -8.55
CA ALA A 195 1.92 8.97 -9.11
C ALA A 195 0.64 9.81 -8.98
N LYS A 196 0.78 11.00 -8.39
CA LYS A 196 -0.35 11.92 -8.19
C LYS A 196 -0.73 12.61 -9.51
N ARG A 197 0.25 12.73 -10.39
CA ARG A 197 0.08 13.24 -11.74
C ARG A 197 1.02 12.45 -12.64
N ALA A 198 0.88 12.62 -13.95
CA ALA A 198 1.85 12.06 -14.88
C ALA A 198 3.24 12.62 -14.58
N ILE A 199 4.23 11.75 -14.54
CA ILE A 199 5.61 12.13 -14.24
C ILE A 199 6.53 11.66 -15.36
N GLN A 200 7.35 12.57 -15.87
CA GLN A 200 8.32 12.25 -16.91
C GLN A 200 9.60 11.68 -16.30
N THR A 201 10.37 10.97 -17.13
CA THR A 201 11.65 10.40 -16.73
C THR A 201 12.59 11.50 -16.25
N GLY A 202 13.33 11.23 -15.19
CA GLY A 202 14.32 12.17 -14.66
C GLY A 202 13.78 13.14 -13.61
N GLU A 203 12.46 13.19 -13.44
CA GLU A 203 11.85 14.04 -12.42
C GLU A 203 12.08 13.53 -11.01
N GLU A 204 12.26 14.45 -10.06
CA GLU A 204 12.37 14.08 -8.65
C GLU A 204 10.99 13.75 -8.09
N LEU A 205 10.92 12.71 -7.26
CA LEU A 205 9.67 12.35 -6.59
C LEU A 205 9.57 13.03 -5.22
N PHE A 206 8.37 13.51 -4.89
CA PHE A 206 8.09 14.12 -3.58
C PHE A 206 6.82 13.58 -2.92
N PHE A 207 6.87 13.41 -1.60
CA PHE A 207 5.70 13.02 -0.79
C PHE A 207 5.32 14.16 0.16
N ASP A 208 4.06 14.16 0.58
CA ASP A 208 3.65 15.02 1.69
C ASP A 208 3.77 14.23 2.99
N TYR A 209 4.83 14.52 3.75
CA TYR A 209 5.15 13.76 4.98
C TYR A 209 4.08 13.90 6.05
N ARG A 210 3.34 15.01 6.02
CA ARG A 210 2.27 15.28 7.01
C ARG A 210 1.17 14.24 6.93
N TYR A 211 0.88 13.77 5.72
CA TYR A 211 -0.28 12.94 5.44
C TYR A 211 -0.16 12.42 4.01
N SER A 212 0.49 11.27 3.85
CA SER A 212 0.77 10.76 2.49
C SER A 212 -0.41 10.03 1.85
N GLN A 213 -1.33 9.54 2.67
CA GLN A 213 -2.53 8.85 2.18
C GLN A 213 -3.53 9.84 1.59
N ALA A 214 -3.36 10.15 0.30
CA ALA A 214 -4.22 11.12 -0.39
C ALA A 214 -5.59 10.54 -0.72
S SO4 B . 15.78 -1.24 -2.90
O1 SO4 B . 14.44 -0.68 -3.17
O2 SO4 B . 15.68 -2.70 -2.72
O3 SO4 B . 16.67 -0.94 -4.05
O4 SO4 B . 16.34 -0.63 -1.67
ZN ZN C . -8.35 -9.09 -9.06
ZN ZN D . -8.94 -6.99 -12.21
ZN ZN E . -5.52 -8.67 -11.86
ZN ZN F . -14.74 -11.90 8.89
ZN ZN G . -17.78 -13.39 10.40
ZN ZN H . -16.96 -14.29 6.74
#